data_8EES
#
_entry.id   8EES
#
_cell.length_a   35.140
_cell.length_b   78.098
_cell.length_c   81.991
_cell.angle_alpha   90.000
_cell.angle_beta   90.010
_cell.angle_gamma   90.000
#
_symmetry.space_group_name_H-M   'P 1 21 1'
#
loop_
_entity.id
_entity.type
_entity.pdbx_description
1 polymer '3-deoxy-manno-octulosonate cytidylyltransferase'
2 water water
#
_entity_poly.entity_id   1
_entity_poly.type   'polypeptide(L)'
_entity_poly.pdbx_seq_one_letter_code
;MAHHHHHHMVIIPARFASTRLPGKPLQDINGKPMIVHVLERARESGADRIIVATDHEDVARAVEAAGGEVCMTRADHQSG
TERLAEVVEKCAFSDDTIIVNIQGDEPMIPPAIVRQVAENLAASSSGMATLAVPIHDAEEAFNPNAVKVVMDAKGYALYF
SRATIPWDRDRFAQSRETIGDSLLRHIGIYGYRAGFIRRYVSWAPSPLEQIEMLEQLRVLWYGEKIHVAVAAEVPGTGVD
TPEDLERVRAELR
;
_entity_poly.pdbx_strand_id   A,B
#
# COMPACT_ATOMS: atom_id res chain seq x y z
N HIS A 7 -10.31 -26.12 -8.48
CA HIS A 7 -9.87 -25.82 -9.84
C HIS A 7 -8.60 -24.96 -9.85
N HIS A 8 -7.56 -25.44 -9.17
CA HIS A 8 -6.31 -24.70 -9.06
C HIS A 8 -5.15 -25.68 -8.91
N MET A 9 -3.95 -25.19 -9.14
CA MET A 9 -2.73 -25.97 -9.03
C MET A 9 -1.84 -25.39 -7.94
N VAL A 10 -1.12 -26.27 -7.25
CA VAL A 10 -0.28 -25.86 -6.12
C VAL A 10 1.16 -26.26 -6.41
N ILE A 11 2.07 -25.29 -6.27
CA ILE A 11 3.50 -25.53 -6.36
C ILE A 11 4.12 -25.29 -4.98
N ILE A 12 4.91 -26.25 -4.53
CA ILE A 12 5.54 -26.25 -3.22
C ILE A 12 7.05 -26.10 -3.42
N PRO A 13 7.63 -24.95 -3.12
CA PRO A 13 9.10 -24.87 -3.08
C PRO A 13 9.65 -25.59 -1.86
N ALA A 14 10.26 -26.76 -2.08
CA ALA A 14 10.85 -27.53 -0.98
C ALA A 14 12.17 -26.87 -0.61
N ARG A 15 12.16 -26.09 0.47
CA ARG A 15 13.31 -25.31 0.88
C ARG A 15 14.31 -26.23 1.58
N PHE A 16 15.16 -26.87 0.77
CA PHE A 16 16.28 -27.62 1.32
C PHE A 16 17.24 -26.69 2.05
N ALA A 17 17.53 -25.53 1.47
CA ALA A 17 18.52 -24.62 2.02
C ALA A 17 18.00 -24.00 3.31
N SER A 18 18.76 -24.18 4.39
CA SER A 18 18.48 -23.57 5.70
C SER A 18 19.69 -23.80 6.58
N THR A 19 20.09 -22.76 7.32
CA THR A 19 21.25 -22.89 8.19
C THR A 19 20.93 -23.69 9.45
N ARG A 20 19.70 -23.58 9.95
CA ARG A 20 19.33 -24.21 11.21
C ARG A 20 18.78 -25.62 11.05
N LEU A 21 18.05 -25.90 9.97
CA LEU A 21 17.70 -27.27 9.59
C LEU A 21 18.06 -27.51 8.14
N PRO A 22 19.35 -27.72 7.83
CA PRO A 22 19.71 -28.13 6.46
C PRO A 22 18.98 -29.43 6.10
N GLY A 23 18.49 -29.49 4.86
CA GLY A 23 17.71 -30.62 4.43
C GLY A 23 16.34 -30.71 5.10
N LYS A 24 15.62 -29.58 5.13
CA LYS A 24 14.31 -29.54 5.77
C LYS A 24 13.31 -30.55 5.19
N PRO A 25 13.10 -30.63 3.87
CA PRO A 25 12.00 -31.47 3.37
C PRO A 25 12.16 -32.96 3.61
N LEU A 26 13.37 -33.44 3.90
CA LEU A 26 13.61 -34.87 4.05
C LEU A 26 13.41 -35.37 5.48
N GLN A 27 13.30 -34.49 6.46
CA GLN A 27 13.31 -34.94 7.85
C GLN A 27 12.00 -35.65 8.20
N ASP A 28 12.14 -36.76 8.93
CA ASP A 28 11.01 -37.64 9.20
C ASP A 28 10.07 -37.02 10.22
N ILE A 29 8.80 -36.91 9.87
CA ILE A 29 7.74 -36.51 10.80
C ILE A 29 6.80 -37.70 10.94
N ASN A 30 7.03 -38.51 11.97
CA ASN A 30 6.16 -39.66 12.28
C ASN A 30 6.03 -40.61 11.08
N GLY A 31 7.17 -40.99 10.52
CA GLY A 31 7.18 -41.95 9.43
C GLY A 31 6.94 -41.37 8.06
N LYS A 32 6.96 -40.05 7.91
CA LYS A 32 6.81 -39.41 6.62
C LYS A 32 7.68 -38.17 6.60
N PRO A 33 8.40 -37.91 5.51
CA PRO A 33 9.19 -36.67 5.42
C PRO A 33 8.27 -35.46 5.35
N MET A 34 8.83 -34.30 5.73
CA MET A 34 8.03 -33.08 5.86
C MET A 34 7.36 -32.73 4.53
N ILE A 35 8.10 -32.83 3.42
CA ILE A 35 7.55 -32.45 2.13
C ILE A 35 6.37 -33.33 1.75
N VAL A 36 6.37 -34.59 2.19
CA VAL A 36 5.21 -35.45 1.95
C VAL A 36 4.00 -34.93 2.72
N HIS A 37 4.22 -34.44 3.94
CA HIS A 37 3.11 -33.85 4.71
C HIS A 37 2.57 -32.59 4.03
N VAL A 38 3.46 -31.74 3.51
CA VAL A 38 3.01 -30.57 2.78
C VAL A 38 2.23 -30.97 1.54
N LEU A 39 2.68 -32.04 0.87
CA LEU A 39 1.95 -32.56 -0.29
C LEU A 39 0.56 -33.04 0.12
N GLU A 40 0.45 -33.68 1.28
CA GLU A 40 -0.86 -34.12 1.76
C GLU A 40 -1.77 -32.94 2.08
N ARG A 41 -1.20 -31.88 2.65
CA ARG A 41 -1.98 -30.66 2.88
C ARG A 41 -2.48 -30.08 1.56
N ALA A 42 -1.61 -30.05 0.55
CA ALA A 42 -2.04 -29.58 -0.77
C ALA A 42 -3.13 -30.48 -1.34
N ARG A 43 -3.06 -31.78 -1.06
CA ARG A 43 -4.13 -32.69 -1.48
C ARG A 43 -5.44 -32.33 -0.79
N GLU A 44 -5.39 -32.04 0.50
CA GLU A 44 -6.59 -31.63 1.22
C GLU A 44 -7.11 -30.27 0.76
N SER A 45 -6.26 -29.44 0.15
CA SER A 45 -6.72 -28.17 -0.38
C SER A 45 -7.75 -28.36 -1.50
N GLY A 46 -7.54 -29.36 -2.35
CA GLY A 46 -8.43 -29.62 -3.46
C GLY A 46 -7.86 -29.18 -4.79
N ALA A 47 -6.56 -29.37 -4.97
CA ALA A 47 -5.87 -28.93 -6.17
C ALA A 47 -5.83 -30.05 -7.21
N ASP A 48 -5.92 -29.64 -8.48
CA ASP A 48 -5.88 -30.61 -9.58
C ASP A 48 -4.47 -31.10 -9.87
N ARG A 49 -3.44 -30.39 -9.42
CA ARG A 49 -2.06 -30.80 -9.63
C ARG A 49 -1.20 -30.19 -8.54
N ILE A 50 -0.25 -30.99 -8.02
CA ILE A 50 0.66 -30.55 -6.97
C ILE A 50 2.08 -30.86 -7.41
N ILE A 51 2.89 -29.81 -7.55
CA ILE A 51 4.25 -29.91 -8.06
C ILE A 51 5.20 -29.41 -6.98
N VAL A 52 6.13 -30.26 -6.56
CA VAL A 52 7.19 -29.87 -5.64
C VAL A 52 8.40 -29.46 -6.48
N ALA A 53 8.87 -28.23 -6.28
CA ALA A 53 9.97 -27.66 -7.06
C ALA A 53 11.27 -27.78 -6.25
N THR A 54 12.27 -28.44 -6.83
CA THR A 54 13.44 -28.79 -6.04
C THR A 54 14.61 -29.11 -6.96
N ASP A 55 15.81 -28.74 -6.52
CA ASP A 55 17.04 -29.05 -7.22
C ASP A 55 17.79 -30.23 -6.60
N HIS A 56 17.16 -30.98 -5.71
CA HIS A 56 17.77 -32.08 -4.99
C HIS A 56 17.08 -33.37 -5.37
N GLU A 57 17.88 -34.40 -5.67
CA GLU A 57 17.32 -35.68 -6.12
C GLU A 57 16.69 -36.48 -4.98
N ASP A 58 17.20 -36.34 -3.76
CA ASP A 58 16.58 -37.05 -2.63
C ASP A 58 15.17 -36.55 -2.38
N VAL A 59 14.95 -35.24 -2.46
CA VAL A 59 13.60 -34.69 -2.33
C VAL A 59 12.70 -35.23 -3.44
N ALA A 60 13.21 -35.28 -4.67
CA ALA A 60 12.43 -35.78 -5.79
C ALA A 60 12.03 -37.23 -5.57
N ARG A 61 12.96 -38.07 -5.13
CA ARG A 61 12.66 -39.48 -4.91
C ARG A 61 11.82 -39.70 -3.67
N ALA A 62 11.81 -38.74 -2.73
CA ALA A 62 10.92 -38.85 -1.58
C ALA A 62 9.48 -38.47 -1.94
N VAL A 63 9.31 -37.40 -2.73
CA VAL A 63 7.97 -36.99 -3.16
C VAL A 63 7.39 -38.00 -4.14
N GLU A 64 8.20 -38.46 -5.10
CA GLU A 64 7.72 -39.41 -6.10
C GLU A 64 7.31 -40.73 -5.46
N ALA A 65 8.01 -41.15 -4.40
CA ALA A 65 7.59 -42.34 -3.67
C ALA A 65 6.25 -42.15 -2.99
N ALA A 66 5.84 -40.90 -2.74
CA ALA A 66 4.53 -40.60 -2.17
C ALA A 66 3.47 -40.30 -3.22
N GLY A 67 3.87 -40.00 -4.45
CA GLY A 67 2.92 -39.79 -5.53
C GLY A 67 2.67 -38.36 -5.96
N GLY A 68 3.47 -37.41 -5.51
CA GLY A 68 3.31 -36.03 -5.94
C GLY A 68 4.16 -35.71 -7.15
N GLU A 69 3.71 -34.73 -7.94
CA GLU A 69 4.48 -34.36 -9.12
C GLU A 69 5.73 -33.59 -8.71
N VAL A 70 6.83 -33.82 -9.41
CA VAL A 70 8.12 -33.25 -9.04
C VAL A 70 8.69 -32.50 -10.24
N CYS A 71 9.17 -31.28 -9.99
CA CYS A 71 9.85 -30.46 -10.99
C CYS A 71 11.23 -30.10 -10.48
N MET A 72 12.24 -30.29 -11.32
CA MET A 72 13.61 -29.91 -11.00
C MET A 72 13.89 -28.51 -11.53
N THR A 73 14.49 -27.66 -10.70
CA THR A 73 14.62 -26.26 -11.05
C THR A 73 16.06 -25.80 -11.26
N ARG A 74 16.92 -25.88 -10.25
CA ARG A 74 18.21 -25.21 -10.34
C ARG A 74 19.25 -25.72 -9.36
N THR A 81 10.15 -14.95 -6.74
CA THR A 81 9.49 -15.97 -7.53
C THR A 81 10.43 -16.54 -8.60
N GLU A 82 11.71 -16.62 -8.28
CA GLU A 82 12.71 -17.12 -9.24
C GLU A 82 12.43 -18.57 -9.61
N ARG A 83 12.59 -19.47 -8.65
CA ARG A 83 12.45 -20.90 -8.93
C ARG A 83 11.09 -21.21 -9.53
N LEU A 84 10.04 -20.64 -8.95
CA LEU A 84 8.68 -20.91 -9.40
C LEU A 84 8.53 -20.64 -10.89
N ALA A 85 9.25 -19.65 -11.41
CA ALA A 85 9.16 -19.32 -12.83
C ALA A 85 9.41 -20.55 -13.69
N GLU A 86 10.50 -21.28 -13.41
CA GLU A 86 10.82 -22.45 -14.21
C GLU A 86 9.72 -23.48 -14.18
N VAL A 87 9.02 -23.61 -13.04
CA VAL A 87 7.88 -24.53 -12.98
C VAL A 87 6.83 -24.12 -14.00
N VAL A 88 6.44 -22.84 -14.00
CA VAL A 88 5.49 -22.35 -14.98
C VAL A 88 6.08 -22.35 -16.38
N GLU A 89 7.39 -22.61 -16.48
CA GLU A 89 8.04 -22.86 -17.76
C GLU A 89 8.08 -24.35 -18.08
N LYS A 90 8.32 -25.20 -17.07
CA LYS A 90 8.50 -26.62 -17.32
C LYS A 90 7.17 -27.37 -17.49
N CYS A 91 6.08 -26.80 -16.97
CA CYS A 91 4.74 -27.36 -17.16
C CYS A 91 3.84 -26.32 -17.79
N ALA A 92 4.35 -25.59 -18.79
CA ALA A 92 3.83 -24.27 -19.12
C ALA A 92 2.31 -24.25 -19.17
N PHE A 93 1.70 -23.51 -18.24
CA PHE A 93 0.28 -23.58 -18.00
C PHE A 93 -0.45 -22.53 -18.83
N SER A 94 -1.78 -22.59 -18.77
CA SER A 94 -2.59 -21.48 -19.22
C SER A 94 -2.51 -20.36 -18.20
N ASP A 95 -2.62 -19.13 -18.69
CA ASP A 95 -2.57 -17.95 -17.83
C ASP A 95 -3.90 -17.71 -17.13
N ASP A 96 -4.78 -18.71 -17.09
CA ASP A 96 -5.98 -18.68 -16.28
C ASP A 96 -5.90 -19.54 -15.03
N THR A 97 -5.05 -20.57 -15.04
CA THR A 97 -4.96 -21.50 -13.91
C THR A 97 -4.55 -20.78 -12.64
N ILE A 98 -5.43 -20.82 -11.64
CA ILE A 98 -5.12 -20.24 -10.35
C ILE A 98 -3.99 -21.03 -9.71
N ILE A 99 -3.01 -20.34 -9.16
CA ILE A 99 -1.79 -20.94 -8.64
C ILE A 99 -1.60 -20.49 -7.20
N VAL A 100 -1.28 -21.44 -6.32
CA VAL A 100 -1.10 -21.18 -4.90
C VAL A 100 0.32 -21.57 -4.52
N ASN A 101 1.05 -20.64 -3.92
CA ASN A 101 2.42 -20.88 -3.48
C ASN A 101 2.40 -21.30 -2.02
N ILE A 102 2.78 -22.55 -1.75
CA ILE A 102 2.83 -23.10 -0.41
C ILE A 102 4.28 -23.42 -0.09
N GLN A 103 4.77 -22.92 1.04
CA GLN A 103 6.15 -23.18 1.43
C GLN A 103 6.32 -24.65 1.83
N GLY A 104 7.48 -25.22 1.46
CA GLY A 104 7.75 -26.62 1.67
C GLY A 104 8.07 -27.00 3.10
N ASP A 105 8.25 -26.02 3.99
CA ASP A 105 8.52 -26.26 5.39
C ASP A 105 7.31 -25.98 6.27
N GLU A 106 6.09 -26.06 5.71
CA GLU A 106 4.86 -25.79 6.44
C GLU A 106 3.94 -27.00 6.31
N PRO A 107 4.27 -28.09 7.00
CA PRO A 107 3.47 -29.33 6.86
C PRO A 107 2.13 -29.28 7.55
N MET A 108 1.82 -28.19 8.25
CA MET A 108 0.54 -28.02 8.94
C MET A 108 -0.19 -26.78 8.44
N ILE A 109 0.08 -26.36 7.20
CA ILE A 109 -0.65 -25.23 6.64
C ILE A 109 -2.12 -25.60 6.50
N PRO A 110 -3.05 -24.79 7.00
CA PRO A 110 -4.46 -25.12 6.87
C PRO A 110 -4.88 -25.15 5.41
N PRO A 111 -5.40 -26.28 4.93
CA PRO A 111 -5.88 -26.33 3.54
C PRO A 111 -7.05 -25.41 3.28
N ALA A 112 -7.77 -24.99 4.34
CA ALA A 112 -8.86 -24.04 4.16
C ALA A 112 -8.36 -22.71 3.61
N ILE A 113 -7.25 -22.19 4.16
CA ILE A 113 -6.71 -20.94 3.64
C ILE A 113 -6.11 -21.15 2.25
N VAL A 114 -5.62 -22.36 1.96
CA VAL A 114 -5.10 -22.65 0.63
C VAL A 114 -6.21 -22.59 -0.40
N ARG A 115 -7.37 -23.16 -0.07
CA ARG A 115 -8.53 -22.98 -0.93
C ARG A 115 -8.97 -21.52 -0.99
N GLN A 116 -8.86 -20.82 0.13
CA GLN A 116 -9.39 -19.46 0.23
C GLN A 116 -8.62 -18.50 -0.67
N VAL A 117 -7.29 -18.61 -0.72
CA VAL A 117 -6.54 -17.68 -1.57
C VAL A 117 -6.98 -17.80 -3.02
N ALA A 118 -7.23 -19.04 -3.48
CA ALA A 118 -7.72 -19.25 -4.84
C ALA A 118 -9.13 -18.72 -5.02
N GLU A 119 -10.00 -18.95 -4.03
CA GLU A 119 -11.38 -18.45 -4.13
C GLU A 119 -11.41 -16.94 -4.25
N ASN A 120 -10.65 -16.25 -3.40
CA ASN A 120 -10.57 -14.80 -3.45
C ASN A 120 -9.80 -14.28 -4.66
N LEU A 121 -8.90 -15.07 -5.23
CA LEU A 121 -8.30 -14.71 -6.51
C LEU A 121 -9.33 -14.79 -7.63
N ALA A 122 -10.25 -15.75 -7.54
CA ALA A 122 -11.23 -15.95 -8.60
C ALA A 122 -12.03 -14.68 -8.89
N ALA A 123 -12.31 -13.89 -7.86
CA ALA A 123 -12.97 -12.61 -8.04
C ALA A 123 -11.96 -11.47 -8.16
N SER A 126 -8.26 -8.57 -10.87
CA SER A 126 -7.04 -8.62 -10.06
C SER A 126 -5.99 -9.49 -10.75
N GLY A 127 -5.51 -10.52 -10.06
CA GLY A 127 -4.55 -11.44 -10.65
C GLY A 127 -3.50 -11.94 -9.70
N MET A 128 -3.25 -11.20 -8.61
CA MET A 128 -2.34 -11.63 -7.56
C MET A 128 -3.05 -11.52 -6.23
N ALA A 129 -2.97 -12.57 -5.41
CA ALA A 129 -3.66 -12.61 -4.13
C ALA A 129 -2.72 -13.12 -3.04
N THR A 130 -3.01 -12.71 -1.80
CA THR A 130 -2.24 -13.12 -0.64
C THR A 130 -3.13 -13.02 0.59
N LEU A 131 -2.55 -13.32 1.76
CA LEU A 131 -3.32 -13.41 2.99
C LEU A 131 -2.71 -12.55 4.09
N ALA A 132 -3.55 -12.20 5.05
CA ALA A 132 -3.12 -11.45 6.23
C ALA A 132 -3.88 -11.98 7.44
N VAL A 133 -3.29 -11.76 8.61
CA VAL A 133 -3.91 -12.13 9.87
C VAL A 133 -3.90 -10.91 10.78
N PRO A 134 -4.91 -10.73 11.63
CA PRO A 134 -4.91 -9.55 12.52
C PRO A 134 -3.76 -9.59 13.53
N ILE A 135 -3.25 -8.41 13.84
CA ILE A 135 -2.18 -8.24 14.83
C ILE A 135 -2.81 -7.81 16.14
N HIS A 136 -2.50 -8.54 17.21
CA HIS A 136 -3.13 -8.30 18.50
C HIS A 136 -2.19 -7.77 19.57
N ASP A 137 -0.87 -7.89 19.39
CA ASP A 137 0.08 -7.44 20.40
C ASP A 137 0.92 -6.29 19.87
N ALA A 138 1.22 -5.34 20.75
CA ALA A 138 1.92 -4.12 20.36
C ALA A 138 3.30 -4.40 19.83
N GLU A 139 3.99 -5.40 20.40
CA GLU A 139 5.35 -5.68 19.99
C GLU A 139 5.41 -6.11 18.52
N GLU A 140 4.45 -6.93 18.09
CA GLU A 140 4.40 -7.32 16.69
C GLU A 140 4.04 -6.15 15.78
N ALA A 141 3.21 -5.22 16.25
CA ALA A 141 2.81 -4.10 15.40
C ALA A 141 3.97 -3.15 15.13
N PHE A 142 4.94 -3.07 16.05
CA PHE A 142 6.09 -2.19 15.90
C PHE A 142 7.37 -2.96 15.60
N ASN A 143 7.25 -4.21 15.16
CA ASN A 143 8.40 -5.02 14.77
C ASN A 143 8.56 -4.94 13.27
N PRO A 144 9.65 -4.37 12.75
CA PRO A 144 9.81 -4.28 11.29
C PRO A 144 9.88 -5.62 10.61
N ASN A 145 10.21 -6.68 11.35
CA ASN A 145 10.22 -8.02 10.76
C ASN A 145 8.80 -8.50 10.44
N ALA A 146 7.80 -7.98 11.15
CA ALA A 146 6.41 -8.28 10.84
C ALA A 146 5.93 -7.28 9.81
N VAL A 147 5.39 -7.78 8.70
CA VAL A 147 5.02 -6.93 7.58
C VAL A 147 3.55 -6.56 7.71
N LYS A 148 3.26 -5.28 7.70
CA LYS A 148 1.89 -4.79 7.78
C LYS A 148 1.40 -4.41 6.39
N VAL A 149 0.09 -4.58 6.19
CA VAL A 149 -0.55 -4.33 4.90
C VAL A 149 -1.82 -3.53 5.15
N VAL A 150 -2.05 -2.53 4.31
CA VAL A 150 -3.27 -1.74 4.32
C VAL A 150 -3.92 -1.87 2.96
N MET A 151 -5.25 -2.02 2.95
CA MET A 151 -6.03 -2.36 1.77
C MET A 151 -7.23 -1.42 1.62
N ASP A 152 -7.84 -1.46 0.43
CA ASP A 152 -8.94 -0.58 0.10
C ASP A 152 -10.28 -1.26 0.37
N ALA A 153 -11.37 -0.59 -0.04
CA ALA A 153 -12.71 -1.03 0.32
C ALA A 153 -12.98 -2.48 -0.11
N LYS A 154 -12.39 -2.91 -1.22
CA LYS A 154 -12.68 -4.20 -1.82
C LYS A 154 -11.58 -5.21 -1.54
N GLY A 155 -10.72 -4.92 -0.56
CA GLY A 155 -9.70 -5.83 -0.12
C GLY A 155 -8.37 -5.75 -0.85
N TYR A 156 -8.23 -4.83 -1.80
CA TYR A 156 -6.99 -4.73 -2.57
C TYR A 156 -5.97 -3.94 -1.79
N ALA A 157 -4.74 -4.46 -1.74
CA ALA A 157 -3.68 -3.86 -0.92
C ALA A 157 -3.34 -2.47 -1.42
N LEU A 158 -3.48 -1.48 -0.53
CA LEU A 158 -2.95 -0.15 -0.81
C LEU A 158 -1.42 -0.13 -0.67
N TYR A 159 -0.90 -0.77 0.37
CA TYR A 159 0.54 -0.75 0.59
C TYR A 159 0.94 -1.86 1.55
N PHE A 160 2.17 -2.34 1.38
CA PHE A 160 2.86 -3.19 2.33
C PHE A 160 4.05 -2.42 2.90
N SER A 161 4.32 -2.60 4.19
CA SER A 161 5.44 -1.89 4.79
C SER A 161 5.89 -2.59 6.07
N ARG A 162 7.15 -2.34 6.43
CA ARG A 162 7.71 -2.70 7.72
C ARG A 162 7.46 -1.63 8.77
N ALA A 163 7.01 -0.44 8.38
CA ALA A 163 6.54 0.52 9.36
C ALA A 163 5.14 0.12 9.84
N THR A 164 4.76 0.67 10.99
CA THR A 164 3.47 0.35 11.60
C THR A 164 2.39 1.11 10.86
N ILE A 165 1.81 0.47 9.86
CA ILE A 165 0.72 1.06 9.08
C ILE A 165 -0.53 0.18 9.22
N PRO A 166 -1.72 0.77 9.32
CA PRO A 166 -1.99 2.22 9.35
C PRO A 166 -1.48 2.83 10.65
N TRP A 167 -1.00 4.06 10.60
CA TRP A 167 -0.55 4.72 11.82
C TRP A 167 -1.76 5.22 12.59
N ASP A 168 -1.82 4.87 13.87
CA ASP A 168 -2.93 5.27 14.73
C ASP A 168 -2.48 6.54 15.44
N ARG A 169 -2.85 7.70 14.89
CA ARG A 169 -2.28 8.95 15.39
C ARG A 169 -2.63 9.18 16.85
N ASP A 170 -3.91 9.12 17.19
CA ASP A 170 -4.32 9.49 18.53
C ASP A 170 -3.84 8.48 19.56
N ARG A 171 -3.94 7.19 19.25
CA ARG A 171 -3.52 6.18 20.21
C ARG A 171 -2.01 6.16 20.37
N PHE A 172 -1.27 6.15 19.25
CA PHE A 172 0.19 6.08 19.32
C PHE A 172 0.81 7.37 19.83
N ALA A 173 0.07 8.49 19.75
CA ALA A 173 0.58 9.74 20.31
C ALA A 173 0.75 9.65 21.83
N GLN A 174 -0.10 8.86 22.49
CA GLN A 174 0.03 8.67 23.93
C GLN A 174 1.06 7.59 24.25
N SER A 175 0.90 6.40 23.67
CA SER A 175 1.82 5.30 23.94
C SER A 175 1.80 4.33 22.77
N ARG A 176 2.94 3.65 22.58
CA ARG A 176 3.03 2.53 21.64
C ARG A 176 2.80 1.20 22.33
N GLU A 177 2.06 1.19 23.44
CA GLU A 177 1.90 0.01 24.28
C GLU A 177 0.63 -0.77 24.01
N THR A 178 -0.44 -0.10 23.57
CA THR A 178 -1.68 -0.77 23.24
C THR A 178 -2.03 -0.53 21.78
N ILE A 179 -2.77 -1.47 21.22
CA ILE A 179 -3.05 -1.56 19.78
C ILE A 179 -4.54 -1.51 19.55
N GLY A 180 -4.96 -0.83 18.49
CA GLY A 180 -6.34 -0.88 18.02
C GLY A 180 -6.63 -2.17 17.27
N ASP A 181 -7.57 -2.09 16.32
CA ASP A 181 -8.05 -3.25 15.58
C ASP A 181 -7.77 -3.15 14.08
N SER A 182 -6.83 -2.30 13.67
CA SER A 182 -6.65 -2.00 12.25
C SER A 182 -5.35 -2.55 11.68
N LEU A 183 -4.62 -3.32 12.46
CA LEU A 183 -3.28 -3.77 12.00
C LEU A 183 -3.33 -5.22 11.51
N LEU A 184 -2.78 -5.47 10.33
CA LEU A 184 -2.78 -6.79 9.71
C LEU A 184 -1.35 -7.16 9.35
N ARG A 185 -0.94 -8.37 9.72
CA ARG A 185 0.35 -8.93 9.31
C ARG A 185 0.15 -9.74 8.03
N HIS A 186 0.92 -9.39 7.00
CA HIS A 186 0.92 -10.16 5.77
C HIS A 186 1.65 -11.47 5.98
N ILE A 187 1.09 -12.56 5.45
CA ILE A 187 1.71 -13.88 5.56
C ILE A 187 2.08 -14.34 4.17
N GLY A 188 3.30 -14.88 4.03
CA GLY A 188 3.88 -15.11 2.73
C GLY A 188 3.34 -16.29 1.95
N ILE A 189 2.01 -16.39 1.86
CA ILE A 189 1.36 -17.34 0.98
C ILE A 189 0.67 -16.55 -0.13
N TYR A 190 1.02 -16.85 -1.37
CA TYR A 190 0.67 -16.00 -2.50
C TYR A 190 -0.18 -16.76 -3.51
N GLY A 191 -1.03 -16.01 -4.19
CA GLY A 191 -1.85 -16.55 -5.28
C GLY A 191 -1.57 -15.79 -6.57
N TYR A 192 -1.58 -16.53 -7.67
CA TYR A 192 -1.28 -15.97 -8.99
C TYR A 192 -2.29 -16.50 -10.01
N ARG A 193 -2.38 -15.78 -11.13
CA ARG A 193 -3.21 -16.21 -12.25
C ARG A 193 -2.42 -16.94 -13.34
N ALA A 194 -1.13 -17.19 -13.11
CA ALA A 194 -0.18 -17.95 -13.93
C ALA A 194 0.30 -17.22 -15.17
N GLY A 195 -0.23 -16.03 -15.49
CA GLY A 195 0.35 -15.20 -16.52
C GLY A 195 0.95 -13.99 -15.84
N PHE A 196 0.37 -13.70 -14.67
CA PHE A 196 0.92 -12.71 -13.77
C PHE A 196 2.40 -12.99 -13.48
N ILE A 197 2.74 -14.27 -13.32
CA ILE A 197 4.12 -14.64 -13.02
C ILE A 197 5.02 -14.39 -14.22
N ARG A 198 4.54 -14.74 -15.42
CA ARG A 198 5.33 -14.48 -16.62
C ARG A 198 5.60 -13.00 -16.77
N ARG A 199 4.60 -12.16 -16.45
CA ARG A 199 4.83 -10.72 -16.45
C ARG A 199 5.83 -10.30 -15.37
N TYR A 200 5.72 -10.86 -14.18
CA TYR A 200 6.60 -10.46 -13.08
C TYR A 200 8.05 -10.77 -13.39
N VAL A 201 8.32 -11.97 -13.91
CA VAL A 201 9.69 -12.41 -14.11
C VAL A 201 10.43 -11.52 -15.09
N SER A 202 9.71 -10.74 -15.89
CA SER A 202 10.31 -9.84 -16.86
C SER A 202 10.63 -8.46 -16.28
N TRP A 203 9.95 -8.06 -15.22
CA TRP A 203 10.11 -6.71 -14.69
C TRP A 203 11.45 -6.53 -14.00
N ALA A 204 12.00 -5.31 -14.12
CA ALA A 204 13.24 -4.93 -13.45
C ALA A 204 12.97 -4.65 -11.98
N PRO A 205 13.99 -4.80 -11.12
CA PRO A 205 13.80 -4.49 -9.70
C PRO A 205 13.41 -3.02 -9.50
N SER A 206 12.49 -2.80 -8.53
CA SER A 206 11.81 -1.51 -8.30
C SER A 206 12.36 -0.82 -7.07
N PRO A 207 12.83 0.43 -7.15
CA PRO A 207 13.56 1.00 -5.98
C PRO A 207 12.80 0.88 -4.68
N LEU A 208 11.47 0.82 -4.74
CA LEU A 208 10.66 0.72 -3.54
C LEU A 208 10.91 -0.59 -2.79
N GLU A 209 10.98 -1.71 -3.53
CA GLU A 209 11.23 -2.99 -2.86
C GLU A 209 12.65 -3.04 -2.32
N GLN A 210 13.58 -2.35 -2.97
CA GLN A 210 14.94 -2.27 -2.43
C GLN A 210 14.93 -1.51 -1.10
N ILE A 211 14.15 -0.43 -1.01
CA ILE A 211 14.14 0.32 0.23
C ILE A 211 13.48 -0.48 1.34
N GLU A 212 12.30 -1.07 1.06
CA GLU A 212 11.54 -1.76 2.09
C GLU A 212 11.94 -3.21 2.26
N MET A 213 12.78 -3.75 1.37
CA MET A 213 13.11 -5.17 1.36
C MET A 213 11.85 -6.01 1.26
N LEU A 214 10.91 -5.57 0.43
CA LEU A 214 9.61 -6.20 0.25
C LEU A 214 9.38 -6.37 -1.25
N GLU A 215 9.62 -7.58 -1.75
CA GLU A 215 9.59 -7.81 -3.19
C GLU A 215 8.19 -7.68 -3.76
N GLN A 216 7.16 -7.94 -2.94
CA GLN A 216 5.78 -7.77 -3.41
C GLN A 216 5.50 -6.33 -3.81
N LEU A 217 6.26 -5.37 -3.29
CA LEU A 217 6.12 -3.98 -3.69
C LEU A 217 6.51 -3.76 -5.15
N ARG A 218 7.09 -4.75 -5.82
CA ARG A 218 7.21 -4.68 -7.27
C ARG A 218 5.84 -4.58 -7.92
N VAL A 219 4.92 -5.46 -7.50
CA VAL A 219 3.60 -5.52 -8.14
C VAL A 219 2.90 -4.17 -7.99
N LEU A 220 3.01 -3.55 -6.82
CA LEU A 220 2.37 -2.25 -6.60
C LEU A 220 3.15 -1.12 -7.29
N TRP A 221 4.46 -1.29 -7.48
CA TRP A 221 5.21 -0.24 -8.16
C TRP A 221 4.85 -0.18 -9.63
N TYR A 222 4.67 -1.33 -10.28
CA TYR A 222 4.33 -1.40 -11.68
C TYR A 222 2.83 -1.32 -11.93
N GLY A 223 2.05 -0.84 -10.95
CA GLY A 223 0.66 -0.53 -11.14
C GLY A 223 -0.30 -1.70 -10.99
N GLU A 224 0.20 -2.92 -11.01
CA GLU A 224 -0.68 -4.08 -10.87
C GLU A 224 -1.15 -4.21 -9.41
N LYS A 225 -2.33 -4.79 -9.25
CA LYS A 225 -3.00 -4.85 -7.96
C LYS A 225 -2.75 -6.17 -7.25
N ILE A 226 -2.96 -6.17 -5.94
CA ILE A 226 -2.89 -7.36 -5.11
C ILE A 226 -4.13 -7.39 -4.23
N HIS A 227 -4.79 -8.56 -4.22
CA HIS A 227 -5.94 -8.74 -3.32
C HIS A 227 -5.47 -9.44 -2.05
N VAL A 228 -5.91 -8.94 -0.90
CA VAL A 228 -5.51 -9.47 0.40
C VAL A 228 -6.76 -9.96 1.12
N ALA A 229 -6.69 -11.19 1.63
CA ALA A 229 -7.78 -11.80 2.36
C ALA A 229 -7.35 -12.07 3.79
N VAL A 230 -8.23 -11.74 4.74
CA VAL A 230 -7.98 -12.10 6.12
C VAL A 230 -8.10 -13.61 6.25
N ALA A 231 -7.05 -14.26 6.72
CA ALA A 231 -7.03 -15.71 6.77
C ALA A 231 -8.14 -16.24 7.66
N ALA A 232 -8.87 -17.24 7.15
CA ALA A 232 -9.93 -17.85 7.95
C ALA A 232 -9.37 -18.50 9.20
N GLU A 233 -8.23 -19.19 9.07
CA GLU A 233 -7.48 -19.70 10.21
C GLU A 233 -6.06 -19.15 10.15
N VAL A 234 -5.50 -18.83 11.31
CA VAL A 234 -4.12 -18.36 11.39
C VAL A 234 -3.19 -19.56 11.20
N PRO A 235 -2.32 -19.55 10.20
CA PRO A 235 -1.47 -20.71 9.95
C PRO A 235 -0.28 -20.75 10.90
N GLY A 236 0.36 -21.91 10.95
CA GLY A 236 1.54 -22.10 11.77
C GLY A 236 2.83 -21.77 11.02
N THR A 237 3.77 -21.21 11.77
CA THR A 237 5.06 -20.80 11.20
C THR A 237 5.79 -22.01 10.61
N GLY A 238 6.40 -21.81 9.45
CA GLY A 238 7.10 -22.90 8.80
C GLY A 238 8.23 -23.44 9.68
N VAL A 239 8.44 -24.75 9.61
CA VAL A 239 9.45 -25.40 10.44
C VAL A 239 10.83 -25.03 9.93
N ASP A 240 11.65 -24.46 10.81
CA ASP A 240 13.02 -24.09 10.45
C ASP A 240 14.06 -24.52 11.47
N THR A 241 13.67 -25.07 12.61
CA THR A 241 14.58 -25.43 13.68
C THR A 241 14.12 -26.75 14.29
N PRO A 242 15.01 -27.47 14.97
CA PRO A 242 14.61 -28.77 15.55
C PRO A 242 13.47 -28.67 16.55
N GLU A 243 13.33 -27.55 17.27
CA GLU A 243 12.19 -27.39 18.18
C GLU A 243 10.88 -27.46 17.45
N ASP A 244 10.75 -26.73 16.33
CA ASP A 244 9.53 -26.80 15.54
C ASP A 244 9.34 -28.17 14.94
N LEU A 245 10.44 -28.86 14.61
CA LEU A 245 10.36 -30.23 14.12
C LEU A 245 9.70 -31.13 15.16
N GLU A 246 10.19 -31.08 16.41
CA GLU A 246 9.61 -31.90 17.46
C GLU A 246 8.17 -31.47 17.76
N ARG A 247 7.90 -30.17 17.70
CA ARG A 247 6.55 -29.68 17.96
C ARG A 247 5.56 -30.22 16.94
N VAL A 248 5.92 -30.17 15.65
CA VAL A 248 5.04 -30.70 14.62
C VAL A 248 4.96 -32.21 14.70
N ARG A 249 6.05 -32.88 15.10
CA ARG A 249 6.01 -34.32 15.33
C ARG A 249 4.97 -34.67 16.39
N ALA A 250 4.96 -33.91 17.49
CA ALA A 250 3.98 -34.17 18.55
C ALA A 250 2.57 -33.76 18.13
N GLU A 251 2.45 -32.79 17.22
CA GLU A 251 1.15 -32.30 16.79
C GLU A 251 0.59 -33.01 15.57
N LEU A 252 1.43 -33.74 14.82
CA LEU A 252 0.95 -34.49 13.67
C LEU A 252 1.04 -35.99 13.92
N HIS B 7 -5.24 27.76 -17.36
CA HIS B 7 -6.59 27.32 -17.70
C HIS B 7 -7.22 26.55 -16.54
N HIS B 8 -7.31 27.20 -15.37
CA HIS B 8 -7.83 26.53 -14.19
C HIS B 8 -8.36 27.57 -13.23
N MET B 9 -9.16 27.10 -12.26
CA MET B 9 -9.73 27.95 -11.22
C MET B 9 -9.15 27.54 -9.87
N VAL B 10 -8.93 28.52 -9.00
CA VAL B 10 -8.29 28.30 -7.71
C VAL B 10 -9.25 28.77 -6.61
N ILE B 11 -9.46 27.91 -5.61
CA ILE B 11 -10.37 28.18 -4.50
C ILE B 11 -9.56 28.09 -3.21
N ILE B 12 -9.72 29.10 -2.34
CA ILE B 12 -9.00 29.12 -1.07
C ILE B 12 -10.01 29.02 0.08
N PRO B 13 -10.12 27.87 0.74
CA PRO B 13 -10.83 27.79 2.01
C PRO B 13 -9.96 28.28 3.15
N ALA B 14 -10.28 29.47 3.67
CA ALA B 14 -9.48 30.07 4.73
C ALA B 14 -9.84 29.49 6.09
N PRO B 25 -5.60 33.03 9.20
CA PRO B 25 -6.00 33.80 8.01
C PRO B 25 -5.81 35.30 8.20
N LEU B 26 -5.79 35.75 9.45
CA LEU B 26 -5.61 37.15 9.80
C LEU B 26 -4.26 37.30 10.50
N GLN B 27 -3.32 37.96 9.85
CA GLN B 27 -2.01 38.25 10.42
C GLN B 27 -1.41 39.42 9.65
N ASP B 28 -0.48 40.12 10.28
CA ASP B 28 0.13 41.31 9.70
C ASP B 28 1.52 40.97 9.20
N ILE B 29 1.69 41.01 7.88
CA ILE B 29 3.00 40.85 7.24
C ILE B 29 3.18 42.06 6.33
N ASN B 30 3.86 43.09 6.85
CA ASN B 30 4.12 44.34 6.13
C ASN B 30 2.82 45.02 5.70
N GLY B 31 1.95 45.26 6.67
CA GLY B 31 0.73 46.00 6.43
C GLY B 31 -0.32 45.29 5.60
N LYS B 32 -0.16 43.98 5.37
CA LYS B 32 -1.13 43.22 4.59
C LYS B 32 -1.52 41.96 5.35
N PRO B 33 -2.79 41.58 5.31
CA PRO B 33 -3.20 40.29 5.87
C PRO B 33 -2.48 39.14 5.17
N MET B 34 -2.69 37.95 5.72
CA MET B 34 -2.12 36.73 5.17
C MET B 34 -2.98 36.13 4.06
N ILE B 35 -4.29 36.24 4.21
CA ILE B 35 -5.21 35.72 3.19
C ILE B 35 -5.05 36.49 1.88
N VAL B 36 -4.79 37.80 1.96
CA VAL B 36 -4.55 38.55 0.74
C VAL B 36 -3.21 38.12 0.13
N HIS B 37 -2.26 37.72 0.96
CA HIS B 37 -0.99 37.20 0.40
C HIS B 37 -1.33 35.97 -0.44
N VAL B 38 -2.04 35.02 0.17
CA VAL B 38 -2.41 33.81 -0.58
C VAL B 38 -3.15 34.18 -1.85
N LEU B 39 -3.99 35.21 -1.78
CA LEU B 39 -4.72 35.69 -2.95
C LEU B 39 -3.77 36.19 -4.04
N GLU B 40 -2.75 36.96 -3.66
CA GLU B 40 -1.79 37.46 -4.65
C GLU B 40 -1.02 36.30 -5.29
N ARG B 41 -0.63 35.31 -4.49
CA ARG B 41 0.05 34.15 -5.08
C ARG B 41 -0.86 33.42 -6.05
N ALA B 42 -2.14 33.26 -5.71
CA ALA B 42 -3.08 32.60 -6.61
C ALA B 42 -3.26 33.42 -7.89
N ARG B 43 -3.26 34.75 -7.76
CA ARG B 43 -3.31 35.61 -8.95
C ARG B 43 -2.10 35.39 -9.84
N GLU B 44 -0.91 35.32 -9.24
CA GLU B 44 0.30 35.10 -10.01
C GLU B 44 0.38 33.72 -10.62
N SER B 45 -0.38 32.74 -10.08
CA SER B 45 -0.40 31.42 -10.69
C SER B 45 -1.00 31.47 -12.09
N GLY B 46 -1.88 32.41 -12.36
CA GLY B 46 -2.52 32.54 -13.65
C GLY B 46 -3.86 31.85 -13.78
N ALA B 47 -4.63 31.75 -12.70
CA ALA B 47 -5.91 31.06 -12.74
C ALA B 47 -6.99 31.97 -13.33
N ASP B 48 -7.89 31.35 -14.11
CA ASP B 48 -8.97 32.10 -14.75
C ASP B 48 -9.89 32.72 -13.70
N ARG B 49 -10.22 31.97 -12.65
CA ARG B 49 -11.05 32.46 -11.57
C ARG B 49 -10.40 32.13 -10.23
N ILE B 50 -10.48 33.08 -9.29
CA ILE B 50 -10.00 32.89 -7.93
C ILE B 50 -11.18 33.16 -6.99
N ILE B 51 -11.49 32.19 -6.13
CA ILE B 51 -12.60 32.31 -5.19
C ILE B 51 -12.10 31.97 -3.79
N VAL B 52 -12.46 32.79 -2.82
CA VAL B 52 -12.14 32.53 -1.41
C VAL B 52 -13.42 32.05 -0.74
N ALA B 53 -13.42 30.79 -0.29
CA ALA B 53 -14.58 30.20 0.36
C ALA B 53 -14.46 30.34 1.87
N THR B 54 -15.49 30.90 2.50
CA THR B 54 -15.44 31.16 3.93
C THR B 54 -16.86 31.26 4.48
N ASP B 55 -16.96 31.17 5.81
CA ASP B 55 -18.21 31.44 6.51
C ASP B 55 -18.02 32.51 7.58
N HIS B 56 -16.93 33.27 7.50
CA HIS B 56 -16.63 34.33 8.46
C HIS B 56 -16.58 35.67 7.75
N GLU B 57 -17.11 36.70 8.41
CA GLU B 57 -17.09 38.05 7.85
C GLU B 57 -15.69 38.66 7.88
N ASP B 58 -14.81 38.20 8.77
CA ASP B 58 -13.46 38.75 8.84
C ASP B 58 -12.67 38.46 7.57
N VAL B 59 -12.78 37.23 7.04
CA VAL B 59 -12.12 36.90 5.79
C VAL B 59 -12.74 37.67 4.63
N ALA B 60 -14.06 37.80 4.63
CA ALA B 60 -14.75 38.53 3.57
C ALA B 60 -14.26 39.98 3.52
N ARG B 61 -14.52 40.74 4.59
CA ARG B 61 -14.16 42.17 4.61
C ARG B 61 -12.73 42.43 4.17
N ALA B 62 -11.84 41.44 4.28
CA ALA B 62 -10.48 41.60 3.79
C ALA B 62 -10.37 41.30 2.30
N VAL B 63 -10.86 40.13 1.87
CA VAL B 63 -10.66 39.71 0.48
C VAL B 63 -11.48 40.57 -0.47
N GLU B 64 -12.72 40.92 -0.09
CA GLU B 64 -13.56 41.79 -0.91
C GLU B 64 -12.91 43.15 -1.10
N ALA B 65 -12.36 43.72 -0.03
CA ALA B 65 -11.67 45.00 -0.15
C ALA B 65 -10.32 44.87 -0.85
N ALA B 66 -9.81 43.64 -0.97
CA ALA B 66 -8.56 43.39 -1.68
C ALA B 66 -8.78 43.02 -3.15
N GLY B 67 -10.01 43.09 -3.64
CA GLY B 67 -10.29 42.77 -5.02
C GLY B 67 -10.49 41.30 -5.32
N GLY B 68 -10.56 40.45 -4.30
CA GLY B 68 -10.71 39.02 -4.49
C GLY B 68 -12.15 38.57 -4.40
N GLU B 69 -12.50 37.56 -5.20
CA GLU B 69 -13.85 37.04 -5.22
C GLU B 69 -14.10 36.14 -4.02
N VAL B 70 -15.26 36.28 -3.40
CA VAL B 70 -15.66 35.51 -2.23
C VAL B 70 -16.92 34.73 -2.55
N CYS B 71 -16.97 33.49 -2.09
CA CYS B 71 -18.18 32.68 -2.11
C CYS B 71 -18.50 32.28 -0.68
N MET B 72 -19.74 32.50 -0.28
CA MET B 72 -20.19 32.18 1.08
C MET B 72 -20.81 30.78 1.06
N THR B 73 -20.23 29.87 1.84
CA THR B 73 -20.68 28.48 1.82
C THR B 73 -21.51 28.13 3.06
N GLY B 80 -13.93 18.93 7.16
CA GLY B 80 -14.80 20.03 6.80
C GLY B 80 -14.36 20.76 5.54
N THR B 81 -13.65 20.05 4.66
CA THR B 81 -13.14 20.61 3.42
C THR B 81 -14.19 20.63 2.31
N GLU B 82 -15.47 20.42 2.65
CA GLU B 82 -16.52 20.29 1.65
C GLU B 82 -16.93 21.63 1.03
N ARG B 83 -16.40 22.74 1.54
CA ARG B 83 -16.79 24.06 1.04
C ARG B 83 -16.57 24.16 -0.47
N LEU B 84 -15.42 23.68 -0.95
CA LEU B 84 -15.14 23.74 -2.38
C LEU B 84 -16.22 23.04 -3.18
N ALA B 85 -16.76 21.93 -2.67
CA ALA B 85 -17.83 21.24 -3.36
C ALA B 85 -19.00 22.18 -3.62
N GLU B 86 -19.40 22.96 -2.60
CA GLU B 86 -20.47 23.94 -2.80
C GLU B 86 -20.09 24.93 -3.88
N VAL B 87 -18.83 25.37 -3.90
CA VAL B 87 -18.38 26.31 -4.93
C VAL B 87 -18.51 25.69 -6.32
N VAL B 88 -18.36 24.36 -6.42
CA VAL B 88 -18.51 23.70 -7.71
C VAL B 88 -19.92 23.86 -8.24
N GLU B 89 -20.91 24.03 -7.34
CA GLU B 89 -22.29 24.24 -7.74
C GLU B 89 -22.83 25.61 -7.39
N LYS B 90 -22.27 26.28 -6.38
CA LYS B 90 -22.66 27.67 -6.11
C LYS B 90 -22.35 28.55 -7.29
N CYS B 91 -21.20 28.35 -7.92
CA CYS B 91 -20.83 29.03 -9.15
C CYS B 91 -21.12 28.20 -10.39
N ALA B 92 -21.70 27.01 -10.24
CA ALA B 92 -22.12 26.16 -11.35
C ALA B 92 -20.97 25.90 -12.33
N PHE B 93 -19.94 25.22 -11.82
CA PHE B 93 -18.76 24.91 -12.62
C PHE B 93 -18.95 23.63 -13.40
N SER B 94 -18.41 23.59 -14.60
CA SER B 94 -18.45 22.38 -15.41
C SER B 94 -17.62 21.29 -14.76
N ASP B 95 -18.09 20.04 -14.88
CA ASP B 95 -17.39 18.91 -14.25
C ASP B 95 -16.12 18.50 -14.98
N ASP B 96 -15.65 19.32 -15.93
CA ASP B 96 -14.36 19.13 -16.57
C ASP B 96 -13.34 20.19 -16.19
N THR B 97 -13.78 21.27 -15.53
CA THR B 97 -12.87 22.34 -15.15
C THR B 97 -11.85 21.85 -14.12
N ILE B 98 -10.69 22.49 -14.12
CA ILE B 98 -9.59 22.15 -13.22
C ILE B 98 -9.66 23.06 -12.00
N ILE B 99 -9.62 22.46 -10.82
CA ILE B 99 -9.79 23.19 -9.56
C ILE B 99 -8.54 22.99 -8.73
N VAL B 100 -8.01 24.06 -8.16
CA VAL B 100 -6.84 23.98 -7.28
C VAL B 100 -7.24 24.49 -5.91
N ASN B 101 -7.08 23.63 -4.90
CA ASN B 101 -7.33 23.97 -3.51
C ASN B 101 -5.99 24.28 -2.84
N ILE B 102 -5.75 25.56 -2.59
CA ILE B 102 -4.63 26.03 -1.77
C ILE B 102 -5.15 26.30 -0.38
N GLN B 103 -4.45 25.80 0.63
CA GLN B 103 -4.78 26.16 2.00
C GLN B 103 -4.62 27.66 2.20
N GLY B 104 -5.51 28.24 3.01
CA GLY B 104 -5.42 29.66 3.29
C GLY B 104 -4.27 30.06 4.18
N ASP B 105 -3.52 29.09 4.72
CA ASP B 105 -2.42 29.35 5.64
C ASP B 105 -1.06 29.02 5.04
N GLU B 106 -0.93 29.14 3.72
CA GLU B 106 0.35 28.99 3.03
C GLU B 106 0.56 30.20 2.12
N PRO B 107 0.90 31.36 2.70
CA PRO B 107 1.01 32.58 1.89
C PRO B 107 2.30 32.70 1.11
N MET B 108 3.34 31.96 1.48
CA MET B 108 4.62 32.00 0.78
C MET B 108 4.72 30.94 -0.30
N ILE B 109 3.61 30.31 -0.67
CA ILE B 109 3.64 29.26 -1.69
C ILE B 109 4.00 29.87 -3.04
N PRO B 110 4.92 29.28 -3.79
CA PRO B 110 5.22 29.78 -5.14
C PRO B 110 4.08 29.45 -6.09
N PRO B 111 3.72 30.40 -6.96
CA PRO B 111 2.66 30.12 -7.95
C PRO B 111 3.05 29.09 -8.99
N ALA B 112 4.35 28.82 -9.15
CA ALA B 112 4.78 27.82 -10.12
C ALA B 112 4.25 26.43 -9.77
N ILE B 113 4.30 26.05 -8.48
CA ILE B 113 3.76 24.74 -8.13
C ILE B 113 2.25 24.74 -8.14
N VAL B 114 1.62 25.91 -7.97
CA VAL B 114 0.17 25.98 -8.13
C VAL B 114 -0.22 25.68 -9.57
N ARG B 115 0.51 26.24 -10.53
CA ARG B 115 0.28 25.86 -11.92
C ARG B 115 0.66 24.41 -12.16
N GLN B 116 1.70 23.93 -11.47
CA GLN B 116 2.13 22.55 -11.64
C GLN B 116 0.99 21.59 -11.31
N VAL B 117 0.39 21.72 -10.13
CA VAL B 117 -0.65 20.79 -9.70
C VAL B 117 -1.74 20.66 -10.77
N ALA B 118 -2.18 21.80 -11.32
CA ALA B 118 -3.19 21.77 -12.38
C ALA B 118 -2.68 21.05 -13.62
N GLU B 119 -1.46 21.36 -14.05
CA GLU B 119 -0.95 20.74 -15.29
C GLU B 119 -0.72 19.24 -15.12
N ASN B 120 -0.19 18.83 -13.97
CA ASN B 120 -0.01 17.41 -13.66
C ASN B 120 -1.34 16.67 -13.61
N LEU B 121 -2.40 17.29 -13.05
CA LEU B 121 -3.70 16.62 -13.14
C LEU B 121 -4.15 16.49 -14.59
N ALA B 122 -4.06 17.59 -15.35
CA ALA B 122 -4.57 17.57 -16.72
C ALA B 122 -3.83 16.57 -17.59
N ALA B 123 -2.54 16.36 -17.34
CA ALA B 123 -1.72 15.45 -18.13
C ALA B 123 -1.78 14.00 -17.64
N SER B 124 -2.27 13.76 -16.43
CA SER B 124 -2.36 12.40 -15.90
C SER B 124 -3.64 11.75 -16.39
N SER B 125 -4.00 10.61 -15.79
CA SER B 125 -5.27 9.97 -16.07
C SER B 125 -6.44 10.65 -15.38
N SER B 126 -6.22 11.88 -14.89
CA SER B 126 -7.25 12.72 -14.28
C SER B 126 -7.73 12.15 -12.96
N GLY B 127 -8.62 12.88 -12.29
CA GLY B 127 -9.07 12.50 -10.96
C GLY B 127 -8.67 13.52 -9.93
N MET B 128 -7.73 13.17 -9.06
CA MET B 128 -7.26 14.05 -8.00
C MET B 128 -5.73 14.09 -8.03
N ALA B 129 -5.18 15.25 -7.68
CA ALA B 129 -3.74 15.44 -7.68
C ALA B 129 -3.33 16.22 -6.44
N THR B 130 -2.08 16.01 -6.02
CA THR B 130 -1.53 16.71 -4.87
C THR B 130 -0.02 16.87 -5.10
N LEU B 131 0.68 17.38 -4.10
CA LEU B 131 2.07 17.76 -4.24
C LEU B 131 2.90 17.16 -3.11
N ALA B 132 4.16 16.85 -3.42
CA ALA B 132 5.09 16.33 -2.43
C ALA B 132 6.45 17.00 -2.62
N VAL B 133 7.22 17.03 -1.53
CA VAL B 133 8.58 17.56 -1.54
C VAL B 133 9.51 16.51 -0.97
N PRO B 134 10.78 16.46 -1.38
CA PRO B 134 11.71 15.52 -0.76
C PRO B 134 11.99 15.86 0.70
N ILE B 135 12.15 14.82 1.51
CA ILE B 135 12.48 14.97 2.93
C ILE B 135 13.97 14.70 3.12
N HIS B 136 14.64 15.61 3.82
CA HIS B 136 16.07 15.51 4.05
C HIS B 136 16.45 15.65 5.51
N ASP B 137 15.49 15.86 6.40
CA ASP B 137 15.72 15.95 7.84
C ASP B 137 15.15 14.70 8.50
N ALA B 138 15.98 13.98 9.26
CA ALA B 138 15.56 12.72 9.86
C ALA B 138 14.41 12.94 10.85
N GLU B 139 14.48 14.02 11.63
CA GLU B 139 13.39 14.35 12.55
C GLU B 139 12.08 14.51 11.77
N GLU B 140 12.14 15.18 10.62
CA GLU B 140 10.97 15.27 9.75
C GLU B 140 10.49 13.89 9.33
N ALA B 141 11.43 13.01 8.98
CA ALA B 141 11.05 11.66 8.52
C ALA B 141 10.36 10.86 9.61
N PHE B 142 10.69 11.12 10.87
CA PHE B 142 10.06 10.44 12.00
C PHE B 142 9.10 11.35 12.76
N ASN B 143 8.56 12.37 12.09
CA ASN B 143 7.61 13.28 12.71
C ASN B 143 6.20 12.93 12.24
N PRO B 144 5.34 12.37 13.10
CA PRO B 144 3.99 11.98 12.65
C PRO B 144 3.19 13.14 12.09
N ASN B 145 3.45 14.38 12.53
CA ASN B 145 2.77 15.53 11.95
C ASN B 145 3.20 15.81 10.53
N ALA B 146 4.36 15.31 10.11
CA ALA B 146 4.79 15.37 8.73
C ALA B 146 4.27 14.12 8.02
N VAL B 147 3.42 14.31 7.03
CA VAL B 147 2.79 13.20 6.33
C VAL B 147 3.71 12.73 5.21
N LYS B 148 3.98 11.44 5.17
CA LYS B 148 4.75 10.84 4.11
C LYS B 148 3.82 10.20 3.09
N VAL B 149 4.26 10.17 1.84
CA VAL B 149 3.50 9.55 0.76
C VAL B 149 4.44 8.69 -0.07
N VAL B 150 3.96 7.51 -0.48
CA VAL B 150 4.67 6.62 -1.38
C VAL B 150 3.85 6.46 -2.64
N MET B 151 4.54 6.46 -3.79
CA MET B 151 3.93 6.48 -5.11
C MET B 151 4.47 5.32 -5.95
N ASP B 152 3.72 4.95 -6.98
CA ASP B 152 4.13 3.89 -7.89
C ASP B 152 5.03 4.47 -8.99
N ALA B 153 5.33 3.66 -9.99
CA ALA B 153 6.23 4.11 -11.06
C ALA B 153 5.61 5.21 -11.91
N LYS B 154 4.29 5.31 -11.96
CA LYS B 154 3.60 6.34 -12.71
C LYS B 154 3.38 7.61 -11.89
N GLY B 155 3.83 7.64 -10.64
CA GLY B 155 3.65 8.80 -9.79
C GLY B 155 2.33 8.87 -9.06
N TYR B 156 1.50 7.83 -9.15
CA TYR B 156 0.25 7.79 -8.41
C TYR B 156 0.48 7.33 -6.99
N ALA B 157 -0.21 7.98 -6.04
CA ALA B 157 0.00 7.72 -4.63
C ALA B 157 -0.39 6.30 -4.25
N LEU B 158 0.60 5.49 -3.85
CA LEU B 158 0.31 4.19 -3.28
C LEU B 158 -0.31 4.33 -1.89
N TYR B 159 0.23 5.26 -1.08
CA TYR B 159 -0.30 5.40 0.27
C TYR B 159 0.18 6.71 0.89
N PHE B 160 -0.67 7.29 1.72
CA PHE B 160 -0.32 8.39 2.62
C PHE B 160 -0.29 7.84 4.05
N SER B 161 0.64 8.33 4.87
CA SER B 161 0.72 7.84 6.24
C SER B 161 1.50 8.81 7.11
N ARG B 162 1.17 8.80 8.40
CA ARG B 162 1.97 9.49 9.41
C ARG B 162 3.15 8.65 9.86
N ALA B 163 3.18 7.37 9.52
CA ALA B 163 4.33 6.51 9.77
C ALA B 163 5.43 6.80 8.75
N THR B 164 6.64 6.38 9.09
CA THR B 164 7.80 6.61 8.23
C THR B 164 7.76 5.62 7.07
N ILE B 165 7.16 6.04 5.95
CA ILE B 165 7.13 5.21 4.75
C ILE B 165 7.77 5.97 3.59
N PRO B 166 8.50 5.28 2.71
CA PRO B 166 8.82 3.84 2.75
C PRO B 166 9.77 3.51 3.90
N TRP B 167 9.61 2.38 4.57
CA TRP B 167 10.51 2.03 5.65
C TRP B 167 11.84 1.55 5.07
N ASP B 168 12.93 2.14 5.53
CA ASP B 168 14.27 1.77 5.11
C ASP B 168 14.78 0.69 6.07
N ARG B 169 14.69 -0.56 5.65
CA ARG B 169 15.00 -1.66 6.57
C ARG B 169 16.46 -1.59 7.02
N ASP B 170 17.38 -1.51 6.07
CA ASP B 170 18.79 -1.50 6.44
C ASP B 170 19.17 -0.24 7.20
N ARG B 171 18.76 0.93 6.70
CA ARG B 171 19.15 2.17 7.36
C ARG B 171 18.48 2.32 8.72
N PHE B 172 17.19 2.03 8.82
CA PHE B 172 16.47 2.19 10.07
C PHE B 172 16.59 0.97 10.99
N ALA B 173 17.37 -0.04 10.61
CA ALA B 173 17.49 -1.23 11.45
C ALA B 173 17.94 -0.86 12.85
N GLN B 174 19.04 -0.11 12.97
CA GLN B 174 19.32 0.63 14.20
C GLN B 174 19.94 1.97 13.79
N SER B 175 19.09 2.92 13.41
CA SER B 175 19.46 4.32 13.25
C SER B 175 18.22 5.17 13.05
N ARG B 176 17.99 6.15 13.91
CA ARG B 176 16.89 7.10 13.73
C ARG B 176 17.40 8.50 13.38
N GLU B 177 18.61 8.59 12.85
CA GLU B 177 19.20 9.88 12.49
C GLU B 177 19.74 9.92 11.07
N THR B 178 19.76 8.80 10.35
CA THR B 178 20.23 8.74 8.97
C THR B 178 19.07 8.33 8.08
N ILE B 179 18.83 9.10 7.02
CA ILE B 179 17.76 8.81 6.08
C ILE B 179 18.33 8.83 4.67
N GLY B 180 17.68 8.09 3.78
CA GLY B 180 18.10 8.02 2.39
C GLY B 180 17.48 9.08 1.53
N ASP B 181 17.06 8.70 0.31
CA ASP B 181 16.51 9.64 -0.66
C ASP B 181 15.09 9.27 -1.07
N SER B 182 14.42 8.40 -0.33
CA SER B 182 13.13 7.86 -0.74
C SER B 182 11.94 8.47 0.02
N LEU B 183 12.18 9.50 0.83
CA LEU B 183 11.16 10.02 1.73
C LEU B 183 10.55 11.30 1.18
N LEU B 184 9.23 11.32 1.05
CA LEU B 184 8.50 12.46 0.51
C LEU B 184 7.49 12.98 1.53
N ARG B 185 7.40 14.30 1.65
CA ARG B 185 6.42 14.97 2.50
C ARG B 185 5.29 15.51 1.66
N HIS B 186 4.06 15.18 2.04
CA HIS B 186 2.88 15.62 1.31
C HIS B 186 2.50 17.04 1.74
N ILE B 187 2.27 17.92 0.75
CA ILE B 187 1.90 19.31 0.97
C ILE B 187 0.42 19.47 0.66
N GLY B 188 -0.28 20.22 1.50
CA GLY B 188 -1.74 20.29 1.41
C GLY B 188 -2.31 21.15 0.31
N ILE B 189 -1.73 21.10 -0.89
CA ILE B 189 -2.30 21.73 -2.07
C ILE B 189 -2.81 20.65 -2.99
N TYR B 190 -4.06 20.77 -3.43
CA TYR B 190 -4.72 19.68 -4.13
C TYR B 190 -5.29 20.15 -5.46
N GLY B 191 -5.51 19.21 -6.37
CA GLY B 191 -6.17 19.49 -7.62
C GLY B 191 -7.32 18.53 -7.85
N TYR B 192 -8.33 19.02 -8.57
CA TYR B 192 -9.56 18.26 -8.80
C TYR B 192 -10.10 18.57 -10.20
N ARG B 193 -11.06 17.74 -10.62
CA ARG B 193 -11.80 17.90 -11.87
C ARG B 193 -13.26 18.27 -11.60
N ALA B 194 -13.49 19.11 -10.59
CA ALA B 194 -14.81 19.71 -10.31
C ALA B 194 -15.84 18.68 -9.87
N GLY B 195 -16.35 17.89 -10.81
CA GLY B 195 -17.45 16.97 -10.50
C GLY B 195 -17.10 15.90 -9.51
N PHE B 196 -15.81 15.63 -9.31
CA PHE B 196 -15.39 14.60 -8.36
C PHE B 196 -15.35 15.12 -6.93
N ILE B 197 -15.27 16.45 -6.75
CA ILE B 197 -15.38 17.03 -5.41
C ILE B 197 -16.76 16.75 -4.83
N ARG B 198 -17.79 16.70 -5.67
CA ARG B 198 -19.10 16.27 -5.20
C ARG B 198 -19.05 14.82 -4.73
N ARG B 199 -18.30 13.97 -5.45
CA ARG B 199 -18.17 12.57 -5.04
C ARG B 199 -17.41 12.42 -3.72
N TYR B 200 -16.48 13.34 -3.43
CA TYR B 200 -15.78 13.28 -2.15
C TYR B 200 -16.75 13.44 -0.99
N VAL B 201 -17.62 14.46 -1.07
CA VAL B 201 -18.62 14.67 -0.01
C VAL B 201 -19.65 13.56 -0.04
N SER B 202 -19.99 13.05 -1.23
CA SER B 202 -20.96 11.98 -1.34
C SER B 202 -20.48 10.70 -0.67
N TRP B 203 -19.19 10.40 -0.79
CA TRP B 203 -18.64 9.18 -0.21
C TRP B 203 -18.68 9.24 1.31
N ALA B 204 -18.97 8.10 1.94
CA ALA B 204 -19.06 8.05 3.39
C ALA B 204 -17.67 8.07 4.02
N PRO B 205 -17.54 8.63 5.22
CA PRO B 205 -16.23 8.67 5.90
C PRO B 205 -15.66 7.28 6.11
N SER B 206 -14.46 7.06 5.59
CA SER B 206 -13.80 5.77 5.71
C SER B 206 -13.25 5.57 7.14
N PRO B 207 -13.00 4.33 7.54
CA PRO B 207 -12.40 4.11 8.87
C PRO B 207 -10.89 4.32 8.83
N LEU B 208 -10.30 4.12 7.65
CA LEU B 208 -8.86 4.30 7.49
C LEU B 208 -8.45 5.75 7.72
N GLU B 209 -9.22 6.70 7.17
CA GLU B 209 -8.95 8.11 7.38
C GLU B 209 -9.12 8.51 8.84
N GLN B 210 -9.81 7.70 9.64
CA GLN B 210 -9.97 8.02 11.05
C GLN B 210 -8.82 7.49 11.88
N ILE B 211 -8.23 6.36 11.50
CA ILE B 211 -7.06 5.87 12.21
C ILE B 211 -5.84 6.70 11.87
N GLU B 212 -5.65 7.01 10.59
CA GLU B 212 -4.51 7.83 10.19
C GLU B 212 -4.77 9.32 10.33
N MET B 213 -6.03 9.73 10.49
CA MET B 213 -6.41 11.14 10.52
C MET B 213 -5.91 11.86 9.27
N LEU B 214 -6.09 11.21 8.12
CA LEU B 214 -5.73 11.76 6.82
C LEU B 214 -6.92 11.53 5.91
N GLU B 215 -7.69 12.58 5.66
CA GLU B 215 -8.94 12.43 4.92
C GLU B 215 -8.71 11.99 3.48
N GLN B 216 -7.54 12.33 2.92
CA GLN B 216 -7.25 11.95 1.54
C GLN B 216 -7.21 10.43 1.36
N LEU B 217 -6.94 9.70 2.44
CA LEU B 217 -6.97 8.24 2.36
C LEU B 217 -8.34 7.73 1.92
N ARG B 218 -9.40 8.50 2.19
CA ARG B 218 -10.72 8.13 1.69
C ARG B 218 -10.68 7.86 0.20
N VAL B 219 -10.00 8.74 -0.56
CA VAL B 219 -9.92 8.57 -2.00
C VAL B 219 -9.31 7.21 -2.34
N LEU B 220 -8.28 6.80 -1.60
CA LEU B 220 -7.69 5.49 -1.84
C LEU B 220 -8.55 4.37 -1.28
N TRP B 221 -9.30 4.63 -0.21
CA TRP B 221 -10.21 3.62 0.32
C TRP B 221 -11.24 3.21 -0.72
N TYR B 222 -11.75 4.18 -1.48
CA TYR B 222 -12.85 3.96 -2.41
C TYR B 222 -12.39 3.60 -3.82
N GLY B 223 -11.12 3.26 -3.99
CA GLY B 223 -10.61 2.74 -5.24
C GLY B 223 -10.06 3.76 -6.22
N GLU B 224 -10.37 5.05 -6.02
CA GLU B 224 -9.87 6.09 -6.92
C GLU B 224 -8.43 6.42 -6.58
N LYS B 225 -7.65 6.73 -7.61
CA LYS B 225 -6.22 6.97 -7.47
C LYS B 225 -5.91 8.47 -7.43
N ILE B 226 -4.76 8.80 -6.83
CA ILE B 226 -4.29 10.18 -6.68
C ILE B 226 -2.91 10.28 -7.32
N HIS B 227 -2.75 11.22 -8.25
CA HIS B 227 -1.45 11.50 -8.82
C HIS B 227 -0.72 12.53 -7.96
N VAL B 228 0.59 12.36 -7.85
CA VAL B 228 1.41 13.17 -6.96
C VAL B 228 2.49 13.87 -7.77
N ALA B 229 2.65 15.18 -7.52
CA ALA B 229 3.69 15.96 -8.15
C ALA B 229 4.82 16.20 -7.16
N VAL B 230 6.05 15.95 -7.60
CA VAL B 230 7.24 16.28 -6.82
C VAL B 230 7.55 17.76 -7.05
N ALA B 231 7.67 18.51 -5.96
CA ALA B 231 7.66 19.96 -6.05
C ALA B 231 8.86 20.49 -6.85
#